data_1IC2
#
_entry.id   1IC2
#
_cell.length_a   41.400
_cell.length_b   45.500
_cell.length_c   56.300
_cell.angle_alpha   93.70
_cell.angle_beta   98.10
_cell.angle_gamma   104.40
#
_symmetry.space_group_name_H-M   'P 1'
#
loop_
_entity.id
_entity.type
_entity.pdbx_description
1 polymer 'TROPOMYOSIN ALPHA CHAIN, SKELETAL MUSCLE'
2 water water
#
_entity_poly.entity_id   1
_entity_poly.type   'polypeptide(L)'
_entity_poly.pdbx_seq_one_letter_code
;MDAIKKKMQMLKLDKENALDRAEQAEADKKAAEERSKQLEDELVALQKKLKGTEDELDKYSESLKDAQEKLELADKKATD
C
;
_entity_poly.pdbx_strand_id   A,B,C,D
#
# COMPACT_ATOMS: atom_id res chain seq x y z
N MET A 1 1.23 46.24 -44.42
CA MET A 1 0.50 45.12 -45.07
C MET A 1 -1.01 45.33 -44.96
N ASP A 2 -1.73 44.96 -46.00
CA ASP A 2 -3.19 45.05 -46.02
C ASP A 2 -3.70 44.35 -44.75
N ALA A 3 -4.75 44.89 -44.13
CA ALA A 3 -5.30 44.32 -42.90
C ALA A 3 -5.82 42.88 -43.05
N ILE A 4 -6.46 42.60 -44.18
CA ILE A 4 -7.01 41.27 -44.45
C ILE A 4 -5.88 40.27 -44.62
N LYS A 5 -4.82 40.70 -45.30
CA LYS A 5 -3.67 39.83 -45.52
C LYS A 5 -2.97 39.54 -44.19
N LYS A 6 -2.91 40.54 -43.32
CA LYS A 6 -2.28 40.36 -42.02
C LYS A 6 -3.07 39.37 -41.16
N LYS A 7 -4.40 39.50 -41.18
CA LYS A 7 -5.29 38.61 -40.44
C LYS A 7 -5.11 37.16 -40.89
N MET A 8 -4.98 36.96 -42.19
CA MET A 8 -4.78 35.63 -42.75
C MET A 8 -3.44 35.04 -42.30
N GLN A 9 -2.42 35.90 -42.25
CA GLN A 9 -1.10 35.47 -41.80
C GLN A 9 -1.19 34.98 -40.36
N MET A 10 -1.94 35.71 -39.54
CA MET A 10 -2.10 35.33 -38.13
C MET A 10 -2.87 34.01 -37.94
N LEU A 11 -3.93 33.79 -38.73
CA LEU A 11 -4.71 32.55 -38.62
C LEU A 11 -3.84 31.34 -38.97
N LYS A 12 -2.97 31.52 -39.96
CA LYS A 12 -2.06 30.46 -40.39
C LYS A 12 -1.05 30.18 -39.28
N LEU A 13 -0.55 31.23 -38.66
CA LEU A 13 0.41 31.09 -37.56
C LEU A 13 -0.29 30.39 -36.39
N ASP A 14 -1.55 30.73 -36.14
CA ASP A 14 -2.25 30.08 -35.03
C ASP A 14 -2.43 28.59 -35.28
N LYS A 15 -2.70 28.23 -36.53
CA LYS A 15 -2.89 26.84 -36.88
C LYS A 15 -1.58 26.08 -36.64
N GLU A 16 -0.48 26.64 -37.12
CA GLU A 16 0.82 26.00 -36.95
C GLU A 16 1.19 25.81 -35.49
N ASN A 17 0.93 26.81 -34.66
CA ASN A 17 1.23 26.71 -33.24
C ASN A 17 0.41 25.58 -32.60
N ALA A 18 -0.84 25.41 -33.03
CA ALA A 18 -1.69 24.37 -32.47
C ALA A 18 -1.24 22.98 -32.92
N LEU A 19 -0.82 22.86 -34.17
CA LEU A 19 -0.36 21.55 -34.66
C LEU A 19 0.90 21.14 -33.90
N ASP A 20 1.77 22.12 -33.64
CA ASP A 20 2.98 21.84 -32.90
C ASP A 20 2.63 21.34 -31.48
N ARG A 21 1.64 21.96 -30.85
CA ARG A 21 1.19 21.53 -29.50
C ARG A 21 0.70 20.09 -29.54
N ALA A 22 -0.08 19.75 -30.57
CA ALA A 22 -0.61 18.39 -30.69
C ALA A 22 0.51 17.40 -30.88
N GLU A 23 1.50 17.74 -31.72
CA GLU A 23 2.62 16.85 -31.96
C GLU A 23 3.41 16.59 -30.69
N GLN A 24 3.66 17.63 -29.91
CA GLN A 24 4.40 17.42 -28.68
C GLN A 24 3.59 16.58 -27.67
N ALA A 25 2.30 16.85 -27.53
CA ALA A 25 1.49 16.09 -26.57
C ALA A 25 1.37 14.61 -26.93
N GLU A 26 1.30 14.32 -28.24
CA GLU A 26 1.18 12.95 -28.72
C GLU A 26 2.49 12.22 -28.45
N ALA A 27 3.61 12.91 -28.60
CA ALA A 27 4.90 12.31 -28.29
C ALA A 27 5.02 12.06 -26.76
N ASP A 28 4.56 13.00 -25.94
CA ASP A 28 4.62 12.82 -24.49
C ASP A 28 3.71 11.69 -24.03
N LYS A 29 2.58 11.54 -24.70
CA LYS A 29 1.62 10.49 -24.38
C LYS A 29 2.21 9.10 -24.65
N LYS A 30 2.91 8.96 -25.77
CA LYS A 30 3.53 7.70 -26.15
C LYS A 30 4.61 7.35 -25.17
N ALA A 31 5.31 8.38 -24.71
CA ALA A 31 6.38 8.20 -23.75
C ALA A 31 5.81 7.68 -22.42
N ALA A 32 4.66 8.24 -22.01
CA ALA A 32 4.02 7.81 -20.77
C ALA A 32 3.53 6.35 -20.89
N GLU A 33 2.95 6.02 -22.03
CA GLU A 33 2.48 4.66 -22.27
C GLU A 33 3.61 3.60 -22.20
N GLU A 34 4.78 3.96 -22.69
CA GLU A 34 5.91 3.03 -22.68
C GLU A 34 6.38 2.87 -21.24
N ARG A 35 6.41 3.98 -20.51
CA ARG A 35 6.79 3.95 -19.10
C ARG A 35 5.80 3.06 -18.31
N SER A 36 4.52 3.19 -18.61
CA SER A 36 3.49 2.38 -17.96
C SER A 36 3.67 0.90 -18.30
N LYS A 37 4.05 0.61 -19.54
CA LYS A 37 4.25 -0.80 -19.94
C LYS A 37 5.42 -1.38 -19.12
N GLN A 38 6.50 -0.63 -19.00
CA GLN A 38 7.63 -1.10 -18.22
C GLN A 38 7.26 -1.28 -16.73
N LEU A 39 6.48 -0.35 -16.18
CA LEU A 39 6.04 -0.47 -14.78
C LEU A 39 5.15 -1.70 -14.56
N GLU A 40 4.30 -2.03 -15.53
CA GLU A 40 3.41 -3.19 -15.39
C GLU A 40 4.30 -4.45 -15.33
N ASP A 41 5.36 -4.46 -16.13
CA ASP A 41 6.26 -5.61 -16.16
C ASP A 41 7.02 -5.71 -14.84
N GLU A 42 7.35 -4.57 -14.25
CA GLU A 42 8.01 -4.56 -12.95
C GLU A 42 7.11 -5.13 -11.87
N LEU A 43 5.82 -4.81 -11.95
CA LEU A 43 4.84 -5.31 -10.98
C LEU A 43 4.63 -6.83 -11.10
N VAL A 44 4.65 -7.35 -12.32
CA VAL A 44 4.47 -8.78 -12.50
C VAL A 44 5.69 -9.55 -11.98
N ALA A 45 6.89 -9.03 -12.20
CA ALA A 45 8.09 -9.69 -11.73
C ALA A 45 8.13 -9.68 -10.21
N LEU A 46 7.68 -8.57 -9.62
CA LEU A 46 7.67 -8.42 -8.17
C LEU A 46 6.62 -9.35 -7.56
N GLN A 47 5.50 -9.51 -8.25
CA GLN A 47 4.44 -10.37 -7.74
C GLN A 47 4.93 -11.82 -7.70
N LYS A 48 5.72 -12.19 -8.71
CA LYS A 48 6.27 -13.55 -8.77
C LYS A 48 7.27 -13.76 -7.63
N LYS A 49 8.07 -12.74 -7.35
CA LYS A 49 9.04 -12.81 -6.26
C LYS A 49 8.30 -12.92 -4.90
N LEU A 50 7.19 -12.20 -4.75
CA LEU A 50 6.41 -12.29 -3.51
C LEU A 50 5.80 -13.68 -3.38
N LYS A 51 5.30 -14.23 -4.48
CA LYS A 51 4.70 -15.56 -4.45
C LYS A 51 5.74 -16.60 -4.03
N GLY A 52 6.97 -16.43 -4.51
CA GLY A 52 8.03 -17.35 -4.15
C GLY A 52 8.34 -17.26 -2.67
N THR A 53 8.30 -16.04 -2.13
CA THR A 53 8.58 -15.80 -0.71
C THR A 53 7.49 -16.38 0.18
N GLU A 54 6.24 -16.24 -0.25
CA GLU A 54 5.13 -16.77 0.53
C GLU A 54 5.20 -18.30 0.58
N ASP A 55 5.60 -18.92 -0.54
CA ASP A 55 5.74 -20.36 -0.60
C ASP A 55 6.83 -20.82 0.37
N GLU A 56 7.95 -20.08 0.40
CA GLU A 56 9.03 -20.44 1.31
C GLU A 56 8.59 -20.30 2.77
N LEU A 57 7.75 -19.30 3.04
CA LEU A 57 7.26 -19.06 4.39
C LEU A 57 6.40 -20.26 4.83
N ASP A 58 5.61 -20.78 3.90
CA ASP A 58 4.79 -21.94 4.19
C ASP A 58 5.67 -23.15 4.47
N LYS A 59 6.76 -23.29 3.72
CA LYS A 59 7.66 -24.42 3.94
C LYS A 59 8.27 -24.38 5.34
N TYR A 60 8.69 -23.18 5.76
CA TYR A 60 9.28 -22.99 7.07
C TYR A 60 8.27 -23.23 8.19
N SER A 61 7.05 -22.74 7.98
CA SER A 61 5.98 -22.90 8.97
C SER A 61 5.67 -24.38 9.16
N GLU A 62 5.73 -25.15 8.08
CA GLU A 62 5.44 -26.58 8.15
C GLU A 62 6.57 -27.35 8.81
N SER A 63 7.80 -26.97 8.49
CA SER A 63 8.96 -27.61 9.07
C SER A 63 8.99 -27.32 10.58
N LEU A 64 8.71 -26.08 10.96
CA LEU A 64 8.70 -25.71 12.37
C LEU A 64 7.65 -26.52 13.12
N LYS A 65 6.51 -26.74 12.47
CA LYS A 65 5.43 -27.53 13.07
C LYS A 65 5.88 -28.96 13.36
N ASP A 66 6.66 -29.52 12.44
CA ASP A 66 7.16 -30.88 12.61
C ASP A 66 8.17 -30.91 13.75
N ALA A 67 9.04 -29.90 13.79
CA ALA A 67 10.07 -29.81 14.83
C ALA A 67 9.48 -29.71 16.24
N GLN A 68 8.46 -28.88 16.42
CA GLN A 68 7.83 -28.71 17.73
C GLN A 68 7.07 -30.00 18.05
N GLU A 69 6.70 -30.71 16.99
CA GLU A 69 5.98 -31.97 17.09
C GLU A 69 6.92 -33.02 17.67
N LYS A 70 8.10 -33.11 17.06
CA LYS A 70 9.13 -34.06 17.48
C LYS A 70 9.73 -33.71 18.83
N LEU A 71 9.86 -32.41 19.11
CA LEU A 71 10.42 -31.98 20.38
C LEU A 71 9.58 -32.45 21.56
N GLU A 72 8.26 -32.41 21.40
CA GLU A 72 7.36 -32.85 22.47
C GLU A 72 7.50 -34.35 22.70
N LEU A 73 7.47 -35.13 21.62
CA LEU A 73 7.61 -36.58 21.72
C LEU A 73 9.01 -36.94 22.23
N ALA A 74 9.97 -36.08 21.93
CA ALA A 74 11.34 -36.30 22.34
C ALA A 74 11.56 -36.08 23.82
N ASP A 75 11.33 -34.87 24.29
CA ASP A 75 11.54 -34.56 25.71
C ASP A 75 10.56 -35.33 26.61
N LYS A 76 10.12 -36.49 26.12
CA LYS A 76 9.23 -37.35 26.89
C LYS A 76 10.07 -37.91 28.03
N LYS A 77 11.32 -38.24 27.73
CA LYS A 77 12.23 -38.78 28.72
C LYS A 77 13.50 -37.95 28.85
N ALA A 78 13.36 -36.75 29.43
CA ALA A 78 14.49 -35.86 29.64
C ALA A 78 15.18 -36.27 30.94
N THR A 79 14.53 -37.15 31.70
CA THR A 79 15.05 -37.64 32.96
C THR A 79 15.47 -39.10 32.81
N MET B 1 -20.74 36.23 -50.95
CA MET B 1 -19.43 36.39 -50.24
C MET B 1 -18.29 36.33 -51.25
N ASP B 2 -17.31 37.20 -51.08
CA ASP B 2 -16.14 37.26 -51.95
C ASP B 2 -15.21 36.07 -51.66
N ALA B 3 -14.31 35.75 -52.58
CA ALA B 3 -13.38 34.64 -52.39
C ALA B 3 -12.40 34.92 -51.25
N ILE B 4 -12.10 36.21 -51.03
CA ILE B 4 -11.20 36.64 -49.95
C ILE B 4 -11.82 36.39 -48.57
N LYS B 5 -13.11 36.69 -48.45
CA LYS B 5 -13.81 36.46 -47.19
C LYS B 5 -13.96 34.95 -47.01
N LYS B 6 -14.13 34.26 -48.13
CA LYS B 6 -14.28 32.80 -48.15
C LYS B 6 -12.97 32.07 -47.77
N LYS B 7 -11.84 32.58 -48.26
CA LYS B 7 -10.57 31.93 -47.94
C LYS B 7 -10.28 32.11 -46.46
N MET B 8 -10.61 33.30 -45.95
CA MET B 8 -10.43 33.65 -44.55
C MET B 8 -11.24 32.68 -43.69
N GLN B 9 -12.39 32.28 -44.21
CA GLN B 9 -13.29 31.37 -43.51
C GLN B 9 -12.68 29.97 -43.41
N MET B 10 -12.06 29.52 -44.49
CA MET B 10 -11.45 28.22 -44.52
C MET B 10 -10.23 28.17 -43.59
N LEU B 11 -9.55 29.32 -43.45
CA LEU B 11 -8.37 29.40 -42.59
C LEU B 11 -8.79 29.36 -41.13
N LYS B 12 -9.92 29.99 -40.81
CA LYS B 12 -10.43 29.99 -39.45
C LYS B 12 -10.81 28.55 -39.09
N LEU B 13 -11.31 27.81 -40.09
CA LEU B 13 -11.71 26.41 -39.90
C LEU B 13 -10.50 25.52 -39.61
N ASP B 14 -9.43 25.72 -40.38
CA ASP B 14 -8.20 24.95 -40.19
C ASP B 14 -7.67 25.19 -38.79
N LYS B 15 -7.72 26.45 -38.36
CA LYS B 15 -7.24 26.79 -37.03
C LYS B 15 -8.04 26.09 -35.95
N GLU B 16 -9.37 26.16 -36.03
CA GLU B 16 -10.20 25.50 -35.03
C GLU B 16 -9.95 24.01 -34.98
N ASN B 17 -9.81 23.39 -36.15
CA ASN B 17 -9.54 21.97 -36.22
C ASN B 17 -8.20 21.63 -35.56
N ALA B 18 -7.17 22.42 -35.83
CA ALA B 18 -5.87 22.17 -35.22
C ALA B 18 -5.93 22.34 -33.70
N LEU B 19 -6.69 23.33 -33.24
CA LEU B 19 -6.83 23.57 -31.81
C LEU B 19 -7.55 22.41 -31.13
N ASP B 20 -8.57 21.89 -31.80
CA ASP B 20 -9.34 20.76 -31.26
C ASP B 20 -8.42 19.55 -31.11
N ARG B 21 -7.59 19.29 -32.12
CA ARG B 21 -6.66 18.18 -32.07
C ARG B 21 -5.64 18.37 -30.92
N ALA B 22 -5.15 19.59 -30.77
CA ALA B 22 -4.18 19.92 -29.72
C ALA B 22 -4.78 19.64 -28.33
N GLU B 23 -6.00 20.10 -28.09
CA GLU B 23 -6.67 19.90 -26.81
C GLU B 23 -6.94 18.43 -26.50
N GLN B 24 -7.32 17.66 -27.51
CA GLN B 24 -7.59 16.24 -27.31
C GLN B 24 -6.28 15.54 -26.97
N ALA B 25 -5.22 15.92 -27.68
CA ALA B 25 -3.89 15.34 -27.46
C ALA B 25 -3.38 15.64 -26.06
N GLU B 26 -3.58 16.87 -25.57
CA GLU B 26 -3.12 17.22 -24.24
C GLU B 26 -3.94 16.46 -23.17
N ALA B 27 -5.21 16.20 -23.46
CA ALA B 27 -6.05 15.46 -22.51
C ALA B 27 -5.61 13.97 -22.43
N ASP B 28 -5.20 13.41 -23.57
CA ASP B 28 -4.75 12.03 -23.61
C ASP B 28 -3.40 11.88 -22.91
N LYS B 29 -2.55 12.89 -23.07
CA LYS B 29 -1.23 12.89 -22.43
C LYS B 29 -1.45 12.91 -20.91
N LYS B 30 -2.37 13.76 -20.46
CA LYS B 30 -2.66 13.88 -19.04
C LYS B 30 -3.12 12.54 -18.48
N ALA B 31 -4.08 11.92 -19.16
CA ALA B 31 -4.59 10.64 -18.71
C ALA B 31 -3.50 9.56 -18.66
N ALA B 32 -2.65 9.53 -19.67
CA ALA B 32 -1.58 8.53 -19.72
C ALA B 32 -0.57 8.72 -18.60
N GLU B 33 -0.20 9.97 -18.34
CA GLU B 33 0.75 10.26 -17.29
C GLU B 33 0.17 9.93 -15.90
N GLU B 34 -1.14 10.11 -15.74
CA GLU B 34 -1.77 9.79 -14.46
C GLU B 34 -1.71 8.28 -14.21
N ARG B 35 -1.88 7.49 -15.26
CA ARG B 35 -1.83 6.03 -15.16
C ARG B 35 -0.43 5.59 -14.71
N SER B 36 0.61 6.22 -15.26
CA SER B 36 1.98 5.90 -14.88
C SER B 36 2.16 6.15 -13.39
N LYS B 37 1.57 7.24 -12.90
CA LYS B 37 1.64 7.60 -11.50
C LYS B 37 0.92 6.56 -10.62
N GLN B 38 -0.24 6.12 -11.09
CA GLN B 38 -1.02 5.10 -10.39
C GLN B 38 -0.23 3.79 -10.25
N LEU B 39 0.50 3.43 -11.30
CA LEU B 39 1.30 2.22 -11.30
C LEU B 39 2.48 2.34 -10.35
N GLU B 40 3.05 3.54 -10.28
CA GLU B 40 4.18 3.81 -9.39
C GLU B 40 3.74 3.57 -7.96
N ASP B 41 2.53 4.02 -7.61
CA ASP B 41 2.01 3.84 -6.25
C ASP B 41 1.71 2.37 -5.96
N GLU B 42 1.26 1.64 -6.98
CA GLU B 42 0.97 0.21 -6.78
C GLU B 42 2.28 -0.52 -6.48
N LEU B 43 3.35 -0.08 -7.16
CA LEU B 43 4.66 -0.68 -6.98
C LEU B 43 5.22 -0.45 -5.57
N VAL B 44 5.07 0.76 -5.06
CA VAL B 44 5.54 1.09 -3.71
C VAL B 44 4.80 0.19 -2.71
N ALA B 45 3.48 0.08 -2.88
CA ALA B 45 2.67 -0.74 -1.98
C ALA B 45 3.04 -2.23 -2.04
N LEU B 46 3.32 -2.73 -3.24
CA LEU B 46 3.69 -4.14 -3.38
C LEU B 46 5.07 -4.41 -2.75
N GLN B 47 5.99 -3.46 -2.90
CA GLN B 47 7.33 -3.63 -2.32
C GLN B 47 7.25 -3.68 -0.80
N LYS B 48 6.32 -2.92 -0.24
CA LYS B 48 6.11 -2.89 1.20
C LYS B 48 5.54 -4.25 1.65
N LYS B 49 4.62 -4.80 0.87
CA LYS B 49 4.03 -6.10 1.22
C LYS B 49 5.10 -7.20 1.19
N LEU B 50 6.00 -7.15 0.20
CA LEU B 50 7.08 -8.14 0.09
C LEU B 50 8.04 -8.04 1.27
N LYS B 51 8.41 -6.82 1.62
CA LYS B 51 9.32 -6.61 2.73
C LYS B 51 8.76 -7.21 4.00
N GLY B 52 7.48 -6.96 4.26
CA GLY B 52 6.85 -7.51 5.46
C GLY B 52 6.83 -9.02 5.47
N THR B 53 6.71 -9.61 4.28
CA THR B 53 6.68 -11.05 4.13
C THR B 53 8.09 -11.61 4.34
N GLU B 54 9.10 -10.91 3.84
CA GLU B 54 10.48 -11.36 4.00
C GLU B 54 10.86 -11.28 5.48
N ASP B 55 10.30 -10.30 6.20
CA ASP B 55 10.57 -10.14 7.63
C ASP B 55 9.97 -11.29 8.44
N GLU B 56 8.79 -11.74 8.02
CA GLU B 56 8.13 -12.85 8.72
C GLU B 56 8.93 -14.12 8.41
N LEU B 57 9.45 -14.22 7.19
CA LEU B 57 10.21 -15.40 6.82
C LEU B 57 11.48 -15.51 7.67
N ASP B 58 12.13 -14.38 7.92
CA ASP B 58 13.34 -14.39 8.74
C ASP B 58 12.98 -14.85 10.15
N LYS B 59 11.81 -14.45 10.63
CA LYS B 59 11.34 -14.83 11.95
C LYS B 59 11.17 -16.34 12.07
N TYR B 60 10.66 -16.97 11.03
CA TYR B 60 10.47 -18.40 11.04
C TYR B 60 11.77 -19.18 10.89
N SER B 61 12.72 -18.65 10.13
CA SER B 61 14.00 -19.33 9.94
C SER B 61 14.76 -19.36 11.28
N GLU B 62 14.68 -18.26 12.02
CA GLU B 62 15.31 -18.15 13.32
C GLU B 62 14.67 -19.12 14.32
N SER B 63 13.36 -19.27 14.25
CA SER B 63 12.65 -20.17 15.16
C SER B 63 12.91 -21.63 14.81
N LEU B 64 13.03 -21.91 13.51
CA LEU B 64 13.29 -23.28 13.08
C LEU B 64 14.69 -23.70 13.47
N LYS B 65 15.63 -22.77 13.35
CA LYS B 65 17.01 -23.08 13.69
C LYS B 65 17.09 -23.36 15.20
N ASP B 66 16.40 -22.55 16.00
CA ASP B 66 16.38 -22.75 17.44
C ASP B 66 15.78 -24.11 17.82
N ALA B 67 14.68 -24.48 17.17
CA ALA B 67 14.04 -25.77 17.46
C ALA B 67 14.93 -26.95 17.03
N GLN B 68 15.79 -26.72 16.04
CA GLN B 68 16.70 -27.78 15.58
C GLN B 68 17.81 -27.91 16.60
N GLU B 69 18.24 -26.79 17.15
CA GLU B 69 19.29 -26.77 18.18
C GLU B 69 18.78 -27.56 19.39
N LYS B 70 17.53 -27.34 19.76
CA LYS B 70 16.97 -28.04 20.91
C LYS B 70 16.78 -29.53 20.65
N LEU B 71 16.45 -29.88 19.41
CA LEU B 71 16.27 -31.28 19.05
C LEU B 71 17.60 -32.03 19.12
N GLU B 72 18.69 -31.32 18.87
CA GLU B 72 20.02 -31.92 18.92
C GLU B 72 20.33 -32.23 20.38
N LEU B 73 19.89 -31.35 21.28
CA LEU B 73 20.10 -31.53 22.70
C LEU B 73 19.38 -32.79 23.19
N ALA B 74 18.18 -33.01 22.67
CA ALA B 74 17.40 -34.19 23.04
C ALA B 74 18.18 -35.45 22.68
N ASP B 75 18.46 -35.63 21.39
CA ASP B 75 19.20 -36.80 20.94
C ASP B 75 20.52 -36.91 21.67
N LYS B 76 21.17 -35.77 21.89
CA LYS B 76 22.46 -35.75 22.59
C LYS B 76 22.22 -35.81 24.10
N LYS B 77 21.53 -36.86 24.54
CA LYS B 77 21.25 -37.05 25.96
C LYS B 77 21.17 -38.55 26.25
N MET C 1 -2.85 -40.21 53.11
CA MET C 1 -1.94 -40.52 51.97
C MET C 1 -0.47 -40.33 52.36
N ASP C 2 0.37 -41.26 51.90
CA ASP C 2 1.80 -41.22 52.14
C ASP C 2 2.31 -39.84 51.68
N ALA C 3 3.13 -39.20 52.52
CA ALA C 3 3.65 -37.86 52.22
C ALA C 3 4.35 -37.68 50.87
N ILE C 4 4.97 -38.73 50.36
CA ILE C 4 5.65 -38.65 49.08
C ILE C 4 4.65 -38.67 47.92
N LYS C 5 3.66 -39.54 48.02
CA LYS C 5 2.62 -39.64 46.99
C LYS C 5 1.84 -38.33 46.95
N LYS C 6 1.61 -37.73 48.12
CA LYS C 6 0.87 -36.46 48.20
C LYS C 6 1.65 -35.32 47.53
N LYS C 7 2.97 -35.31 47.72
CA LYS C 7 3.78 -34.27 47.12
C LYS C 7 3.76 -34.36 45.59
N MET C 8 3.69 -35.59 45.09
CA MET C 8 3.62 -35.83 43.65
C MET C 8 2.27 -35.35 43.10
N GLN C 9 1.22 -35.58 43.85
CA GLN C 9 -0.13 -35.16 43.46
C GLN C 9 -0.18 -33.63 43.42
N MET C 10 0.49 -33.00 44.40
CA MET C 10 0.58 -31.54 44.51
C MET C 10 1.34 -30.94 43.32
N LEU C 11 2.46 -31.55 42.95
CA LEU C 11 3.26 -31.10 41.82
C LEU C 11 2.48 -31.25 40.50
N LYS C 12 1.68 -32.31 40.40
CA LYS C 12 0.88 -32.49 39.20
C LYS C 12 -0.14 -31.37 39.07
N LEU C 13 -0.73 -30.97 40.21
CA LEU C 13 -1.69 -29.87 40.20
C LEU C 13 -1.00 -28.56 39.83
N ASP C 14 0.24 -28.36 40.28
CA ASP C 14 0.95 -27.11 39.91
C ASP C 14 1.12 -27.08 38.39
N LYS C 15 1.48 -28.22 37.81
CA LYS C 15 1.65 -28.34 36.37
C LYS C 15 0.36 -27.98 35.64
N GLU C 16 -0.75 -28.58 36.08
CA GLU C 16 -2.05 -28.31 35.48
C GLU C 16 -2.44 -26.83 35.55
N ASN C 17 -2.19 -26.19 36.68
CA ASN C 17 -2.54 -24.78 36.81
C ASN C 17 -1.67 -23.90 35.88
N ALA C 18 -0.41 -24.28 35.72
CA ALA C 18 0.49 -23.52 34.86
C ALA C 18 0.10 -23.69 33.38
N LEU C 19 -0.29 -24.90 33.00
CA LEU C 19 -0.71 -25.16 31.63
C LEU C 19 -1.96 -24.34 31.31
N ASP C 20 -2.87 -24.26 32.29
CA ASP C 20 -4.09 -23.48 32.11
C ASP C 20 -3.76 -22.01 31.89
N ARG C 21 -2.77 -21.53 32.63
CA ARG C 21 -2.33 -20.15 32.52
C ARG C 21 -1.67 -19.90 31.15
N ALA C 22 -0.86 -20.86 30.71
CA ALA C 22 -0.19 -20.74 29.43
C ALA C 22 -1.23 -20.68 28.30
N GLU C 23 -2.20 -21.58 28.36
CA GLU C 23 -3.25 -21.63 27.35
C GLU C 23 -4.06 -20.35 27.23
N GLN C 24 -4.41 -19.78 28.38
CA GLN C 24 -5.19 -18.54 28.39
C GLN C 24 -4.40 -17.37 27.80
N ALA C 25 -3.10 -17.34 28.08
CA ALA C 25 -2.25 -16.27 27.58
C ALA C 25 -1.94 -16.40 26.08
N GLU C 26 -1.76 -17.62 25.61
CA GLU C 26 -1.48 -17.82 24.20
C GLU C 26 -2.72 -17.46 23.40
N ALA C 27 -3.88 -17.67 24.03
CA ALA C 27 -5.16 -17.35 23.42
C ALA C 27 -5.31 -15.83 23.32
N ASP C 28 -4.93 -15.13 24.39
CA ASP C 28 -5.01 -13.68 24.41
C ASP C 28 -4.04 -13.11 23.38
N LYS C 29 -2.85 -13.68 23.32
CA LYS C 29 -1.82 -13.24 22.38
C LYS C 29 -2.36 -13.37 20.98
N LYS C 30 -2.97 -14.52 20.71
CA LYS C 30 -3.54 -14.77 19.39
C LYS C 30 -4.46 -13.63 19.03
N ALA C 31 -5.45 -13.37 19.88
CA ALA C 31 -6.42 -12.29 19.66
C ALA C 31 -5.74 -10.95 19.42
N ALA C 32 -4.74 -10.63 20.24
CA ALA C 32 -4.03 -9.35 20.13
C ALA C 32 -3.25 -9.24 18.83
N GLU C 33 -2.46 -10.27 18.54
CA GLU C 33 -1.65 -10.31 17.33
C GLU C 33 -2.57 -10.12 16.13
N GLU C 34 -3.73 -10.76 16.17
CA GLU C 34 -4.70 -10.67 15.09
C GLU C 34 -5.28 -9.26 14.91
N ARG C 35 -5.53 -8.58 16.03
CA ARG C 35 -6.09 -7.25 15.96
C ARG C 35 -5.10 -6.30 15.30
N SER C 36 -3.83 -6.38 15.71
CA SER C 36 -2.79 -5.54 15.14
C SER C 36 -2.76 -5.74 13.64
N LYS C 37 -3.29 -6.89 13.21
CA LYS C 37 -3.34 -7.26 11.79
C LYS C 37 -4.43 -6.53 11.03
N GLN C 38 -5.66 -6.63 11.53
CA GLN C 38 -6.79 -5.96 10.90
C GLN C 38 -6.50 -4.47 10.77
N LEU C 39 -5.75 -3.94 11.74
CA LEU C 39 -5.39 -2.55 11.73
C LEU C 39 -4.37 -2.27 10.62
N GLU C 40 -3.41 -3.17 10.45
CA GLU C 40 -2.41 -3.02 9.40
C GLU C 40 -3.10 -2.93 8.06
N ASP C 41 -4.08 -3.81 7.86
CA ASP C 41 -4.83 -3.86 6.62
C ASP C 41 -5.61 -2.57 6.37
N GLU C 42 -6.36 -2.11 7.37
CA GLU C 42 -7.14 -0.90 7.22
C GLU C 42 -6.20 0.25 6.85
N LEU C 43 -4.96 0.15 7.28
CA LEU C 43 -3.97 1.16 6.98
C LEU C 43 -3.56 1.11 5.51
N VAL C 44 -3.26 -0.08 5.01
CA VAL C 44 -2.87 -0.18 3.60
C VAL C 44 -4.04 0.30 2.73
N ALA C 45 -5.26 -0.03 3.13
CA ALA C 45 -6.45 0.40 2.39
C ALA C 45 -6.64 1.92 2.41
N LEU C 46 -6.30 2.54 3.53
CA LEU C 46 -6.44 3.98 3.68
C LEU C 46 -5.37 4.70 2.85
N GLN C 47 -4.17 4.14 2.86
CA GLN C 47 -3.07 4.72 2.10
C GLN C 47 -3.48 4.76 0.63
N LYS C 48 -4.14 3.71 0.17
CA LYS C 48 -4.58 3.65 -1.22
C LYS C 48 -5.64 4.71 -1.52
N LYS C 49 -6.58 4.92 -0.60
CA LYS C 49 -7.62 5.91 -0.81
C LYS C 49 -7.02 7.33 -0.82
N LEU C 50 -6.03 7.56 0.03
CA LEU C 50 -5.37 8.86 0.11
C LEU C 50 -4.68 9.18 -1.22
N LYS C 51 -3.89 8.22 -1.73
CA LYS C 51 -3.18 8.42 -2.99
C LYS C 51 -4.12 8.76 -4.15
N GLY C 52 -5.29 8.13 -4.16
CA GLY C 52 -6.27 8.40 -5.20
C GLY C 52 -6.85 9.79 -5.04
N THR C 53 -7.00 10.23 -3.79
CA THR C 53 -7.55 11.55 -3.53
C THR C 53 -6.51 12.61 -3.92
N GLU C 54 -5.24 12.32 -3.67
CA GLU C 54 -4.20 13.27 -4.03
C GLU C 54 -4.17 13.41 -5.54
N ASP C 55 -4.34 12.30 -6.24
CA ASP C 55 -4.35 12.31 -7.70
C ASP C 55 -5.47 13.20 -8.24
N GLU C 56 -6.64 13.11 -7.62
CA GLU C 56 -7.79 13.89 -8.04
C GLU C 56 -7.53 15.39 -7.80
N LEU C 57 -6.94 15.70 -6.65
CA LEU C 57 -6.64 17.10 -6.33
C LEU C 57 -5.70 17.67 -7.40
N ASP C 58 -4.69 16.92 -7.79
CA ASP C 58 -3.75 17.39 -8.82
C ASP C 58 -4.46 17.58 -10.16
N LYS C 59 -5.35 16.66 -10.49
CA LYS C 59 -6.11 16.73 -11.74
C LYS C 59 -6.90 18.05 -11.81
N TYR C 60 -7.60 18.36 -10.71
CA TYR C 60 -8.40 19.58 -10.61
C TYR C 60 -7.54 20.83 -10.55
N SER C 61 -6.37 20.68 -9.94
CA SER C 61 -5.44 21.78 -9.80
C SER C 61 -4.98 22.21 -11.20
N GLU C 62 -4.68 21.23 -12.05
CA GLU C 62 -4.22 21.53 -13.40
C GLU C 62 -5.36 22.09 -14.25
N SER C 63 -6.55 21.50 -14.09
CA SER C 63 -7.71 21.96 -14.84
C SER C 63 -8.04 23.43 -14.54
N LEU C 64 -7.94 23.81 -13.27
CA LEU C 64 -8.22 25.18 -12.89
C LEU C 64 -7.21 26.13 -13.55
N LYS C 65 -5.95 25.72 -13.58
CA LYS C 65 -4.91 26.54 -14.19
C LYS C 65 -5.17 26.68 -15.68
N ASP C 66 -5.61 25.60 -16.31
CA ASP C 66 -5.90 25.64 -17.74
C ASP C 66 -7.06 26.59 -17.98
N ALA C 67 -8.05 26.53 -17.11
CA ALA C 67 -9.24 27.38 -17.23
C ALA C 67 -8.88 28.86 -17.10
N GLN C 68 -8.07 29.18 -16.10
CA GLN C 68 -7.66 30.56 -15.89
C GLN C 68 -6.88 31.10 -17.08
N GLU C 69 -6.09 30.25 -17.72
CA GLU C 69 -5.30 30.67 -18.87
C GLU C 69 -6.20 30.99 -20.05
N LYS C 70 -7.19 30.15 -20.28
CA LYS C 70 -8.11 30.37 -21.38
C LYS C 70 -8.90 31.65 -21.14
N LEU C 71 -9.15 31.93 -19.86
CA LEU C 71 -9.88 33.12 -19.47
C LEU C 71 -9.05 34.33 -19.86
N GLU C 72 -7.75 34.28 -19.59
CA GLU C 72 -6.87 35.38 -19.93
C GLU C 72 -6.79 35.58 -21.44
N LEU C 73 -6.70 34.48 -22.19
CA LEU C 73 -6.65 34.57 -23.64
C LEU C 73 -7.92 35.27 -24.12
N ALA C 74 -9.05 34.88 -23.52
CA ALA C 74 -10.34 35.44 -23.88
C ALA C 74 -10.33 36.97 -23.78
N ASP C 75 -9.93 37.50 -22.63
CA ASP C 75 -9.90 38.94 -22.43
C ASP C 75 -8.99 39.61 -23.45
N LYS C 76 -7.78 39.07 -23.62
CA LYS C 76 -6.81 39.61 -24.56
C LYS C 76 -7.31 39.56 -26.00
N LYS C 77 -8.49 38.99 -26.20
CA LYS C 77 -9.08 38.89 -27.52
C LYS C 77 -10.31 39.79 -27.59
N ALA C 78 -11.09 39.78 -26.51
CA ALA C 78 -12.31 40.59 -26.43
C ALA C 78 -11.98 42.08 -26.29
N THR C 79 -10.70 42.41 -26.44
CA THR C 79 -10.26 43.79 -26.32
C THR C 79 -9.25 44.12 -27.42
N MET D 1 19.80 -42.94 40.51
CA MET D 1 18.80 -42.26 41.40
C MET D 1 17.57 -43.14 41.62
N ASP D 2 16.94 -42.94 42.77
CA ASP D 2 15.73 -43.67 43.15
C ASP D 2 14.61 -43.45 42.13
N ALA D 3 13.86 -44.52 41.84
CA ALA D 3 12.76 -44.46 40.88
C ALA D 3 11.74 -43.38 41.26
N ILE D 4 11.42 -43.29 42.55
CA ILE D 4 10.49 -42.29 43.03
C ILE D 4 11.07 -40.90 42.82
N LYS D 5 12.28 -40.68 43.34
CA LYS D 5 12.94 -39.39 43.21
C LYS D 5 12.97 -38.93 41.76
N LYS D 6 13.22 -39.87 40.85
CA LYS D 6 13.28 -39.56 39.44
C LYS D 6 11.92 -39.08 38.91
N LYS D 7 10.85 -39.68 39.41
CA LYS D 7 9.52 -39.28 38.97
C LYS D 7 9.25 -37.85 39.43
N MET D 8 9.74 -37.51 40.63
CA MET D 8 9.58 -36.17 41.18
C MET D 8 10.21 -35.10 40.26
N GLN D 9 11.50 -35.26 39.97
CA GLN D 9 12.15 -34.27 39.12
C GLN D 9 11.51 -34.17 37.75
N MET D 10 10.91 -35.25 37.28
CA MET D 10 10.25 -35.23 35.99
C MET D 10 9.01 -34.32 36.06
N LEU D 11 8.30 -34.36 37.18
CA LEU D 11 7.12 -33.51 37.34
C LEU D 11 7.54 -32.05 37.51
N LYS D 12 8.59 -31.83 38.29
CA LYS D 12 9.09 -30.47 38.49
C LYS D 12 9.45 -29.83 37.16
N LEU D 13 9.97 -30.63 36.23
CA LEU D 13 10.36 -30.14 34.92
C LEU D 13 9.18 -29.67 34.06
N ASP D 14 8.12 -30.47 34.02
CA ASP D 14 6.94 -30.10 33.24
C ASP D 14 6.35 -28.80 33.78
N LYS D 15 6.32 -28.69 35.09
CA LYS D 15 5.80 -27.51 35.77
C LYS D 15 6.56 -26.29 35.27
N GLU D 16 7.89 -26.35 35.36
CA GLU D 16 8.75 -25.26 34.92
C GLU D 16 8.57 -24.95 33.43
N ASN D 17 8.45 -25.97 32.60
CA ASN D 17 8.27 -25.73 31.19
C ASN D 17 6.93 -25.05 30.91
N ALA D 18 5.94 -25.32 31.76
CA ALA D 18 4.63 -24.72 31.60
C ALA D 18 4.67 -23.23 31.97
N LEU D 19 5.33 -22.90 33.06
CA LEU D 19 5.45 -21.51 33.50
C LEU D 19 6.19 -20.68 32.47
N ASP D 20 7.16 -21.30 31.81
CA ASP D 20 7.94 -20.63 30.77
C ASP D 20 7.03 -20.18 29.64
N ARG D 21 6.20 -21.10 29.14
CA ARG D 21 5.26 -20.78 28.08
C ARG D 21 4.38 -19.59 28.47
N ALA D 22 3.88 -19.61 29.71
CA ALA D 22 3.01 -18.54 30.19
C ALA D 22 3.70 -17.19 30.15
N GLU D 23 4.83 -17.08 30.84
CA GLU D 23 5.57 -15.83 30.88
C GLU D 23 5.84 -15.35 29.44
N GLN D 24 6.16 -16.28 28.56
CA GLN D 24 6.45 -15.92 27.19
C GLN D 24 5.22 -15.39 26.47
N ALA D 25 4.14 -16.14 26.56
CA ALA D 25 2.86 -15.77 25.94
C ALA D 25 2.46 -14.36 26.36
N GLU D 26 2.32 -14.17 27.67
CA GLU D 26 1.92 -12.89 28.23
C GLU D 26 2.75 -11.74 27.71
N ALA D 27 4.05 -11.98 27.59
CA ALA D 27 4.93 -10.96 27.07
C ALA D 27 4.56 -10.58 25.64
N ASP D 28 4.64 -11.53 24.72
CA ASP D 28 4.32 -11.26 23.32
C ASP D 28 3.01 -10.52 23.10
N LYS D 29 2.06 -10.77 23.99
CA LYS D 29 0.76 -10.12 23.91
C LYS D 29 0.96 -8.63 24.05
N LYS D 30 1.51 -8.23 25.20
CA LYS D 30 1.74 -6.83 25.47
C LYS D 30 2.55 -6.22 24.35
N ALA D 31 3.45 -7.02 23.77
CA ALA D 31 4.27 -6.54 22.67
C ALA D 31 3.42 -6.11 21.47
N ALA D 32 2.41 -6.90 21.18
CA ALA D 32 1.53 -6.61 20.04
C ALA D 32 0.68 -5.40 20.39
N GLU D 33 0.04 -5.49 21.56
CA GLU D 33 -0.82 -4.43 22.07
C GLU D 33 -0.09 -3.09 21.94
N GLU D 34 1.20 -3.07 22.23
CA GLU D 34 1.94 -1.81 22.10
C GLU D 34 1.93 -1.40 20.62
N ARG D 35 2.17 -2.35 19.73
CA ARG D 35 2.19 -2.04 18.32
C ARG D 35 0.82 -1.64 17.77
N SER D 36 -0.19 -2.44 18.05
CA SER D 36 -1.54 -2.17 17.58
C SER D 36 -1.88 -0.75 17.97
N LYS D 37 -1.74 -0.43 19.25
CA LYS D 37 -2.02 0.91 19.73
C LYS D 37 -1.17 1.88 18.92
N GLN D 38 0.04 1.43 18.57
CA GLN D 38 0.97 2.23 17.78
C GLN D 38 0.45 2.34 16.36
N LEU D 39 -0.43 1.41 15.98
CA LEU D 39 -1.04 1.40 14.66
C LEU D 39 -2.31 2.23 14.69
N GLU D 40 -3.29 1.80 15.50
CA GLU D 40 -4.56 2.51 15.63
C GLU D 40 -4.27 3.99 15.79
N ASP D 41 -3.03 4.26 16.19
CA ASP D 41 -2.55 5.61 16.35
C ASP D 41 -2.22 6.18 14.98
N GLU D 42 -1.49 5.42 14.18
CA GLU D 42 -1.14 5.86 12.84
C GLU D 42 -2.40 5.83 11.99
N LEU D 43 -3.39 5.04 12.40
CA LEU D 43 -4.65 4.98 11.68
C LEU D 43 -5.29 6.35 11.87
N VAL D 44 -5.44 6.75 13.13
CA VAL D 44 -6.01 8.07 13.42
C VAL D 44 -5.26 9.17 12.66
N ALA D 45 -3.94 9.12 12.68
CA ALA D 45 -3.19 10.14 11.98
C ALA D 45 -3.45 10.12 10.46
N LEU D 46 -3.50 8.92 9.89
CA LEU D 46 -3.72 8.79 8.46
C LEU D 46 -5.11 9.34 8.10
N GLN D 47 -6.09 9.08 8.96
CA GLN D 47 -7.47 9.52 8.75
C GLN D 47 -7.59 11.04 8.66
N LYS D 48 -6.65 11.75 9.29
CA LYS D 48 -6.69 13.20 9.27
C LYS D 48 -6.05 13.74 8.00
N LYS D 49 -5.00 13.08 7.54
CA LYS D 49 -4.33 13.52 6.33
C LYS D 49 -5.30 13.42 5.15
N LEU D 50 -6.15 12.40 5.16
CA LEU D 50 -7.12 12.19 4.09
C LEU D 50 -8.19 13.29 4.11
N LYS D 51 -8.75 13.54 5.28
CA LYS D 51 -9.79 14.56 5.42
C LYS D 51 -9.26 15.89 4.90
N GLY D 52 -8.01 16.21 5.25
CA GLY D 52 -7.42 17.45 4.81
C GLY D 52 -7.36 17.53 3.29
N THR D 53 -7.05 16.41 2.66
CA THR D 53 -6.94 16.36 1.22
C THR D 53 -8.33 16.49 0.57
N GLU D 54 -9.32 15.83 1.19
CA GLU D 54 -10.67 15.88 0.69
C GLU D 54 -11.23 17.30 0.71
N ASP D 55 -11.06 18.00 1.83
CA ASP D 55 -11.58 19.36 1.91
C ASP D 55 -10.89 20.25 0.89
N GLU D 56 -9.58 20.07 0.73
CA GLU D 56 -8.84 20.86 -0.24
C GLU D 56 -9.41 20.59 -1.63
N LEU D 57 -9.71 19.33 -1.92
CA LEU D 57 -10.27 18.97 -3.22
C LEU D 57 -11.62 19.67 -3.41
N ASP D 58 -12.41 19.72 -2.34
CA ASP D 58 -13.70 20.38 -2.40
C ASP D 58 -13.49 21.84 -2.80
N LYS D 59 -12.49 22.47 -2.19
CA LYS D 59 -12.20 23.87 -2.49
C LYS D 59 -11.83 24.07 -3.96
N TYR D 60 -11.07 23.14 -4.52
CA TYR D 60 -10.69 23.26 -5.92
C TYR D 60 -11.86 23.01 -6.85
N SER D 61 -12.75 22.10 -6.45
CA SER D 61 -13.90 21.79 -7.26
C SER D 61 -14.74 23.05 -7.49
N GLU D 62 -14.98 23.79 -6.40
CA GLU D 62 -15.76 25.01 -6.47
C GLU D 62 -15.11 26.04 -7.38
N SER D 63 -13.84 26.31 -7.14
CA SER D 63 -13.09 27.30 -7.92
C SER D 63 -13.10 26.93 -9.41
N LEU D 64 -13.14 25.64 -9.71
CA LEU D 64 -13.17 25.22 -11.09
C LEU D 64 -14.54 25.52 -11.67
N LYS D 65 -15.56 25.48 -10.81
CA LYS D 65 -16.93 25.78 -11.21
C LYS D 65 -17.00 27.25 -11.59
N ASP D 66 -16.51 28.12 -10.70
CA ASP D 66 -16.51 29.55 -10.94
C ASP D 66 -15.71 29.85 -12.20
N ALA D 67 -14.51 29.28 -12.29
CA ALA D 67 -13.66 29.47 -13.46
C ALA D 67 -14.46 29.06 -14.69
N GLN D 68 -15.22 27.98 -14.56
CA GLN D 68 -16.05 27.50 -15.65
C GLN D 68 -17.04 28.61 -16.00
N GLU D 69 -17.64 29.17 -14.95
CA GLU D 69 -18.61 30.25 -15.07
C GLU D 69 -18.08 31.44 -15.86
N LYS D 70 -17.22 32.22 -15.20
CA LYS D 70 -16.63 33.41 -15.79
C LYS D 70 -16.06 33.13 -17.17
N LEU D 71 -15.71 31.87 -17.43
CA LEU D 71 -15.15 31.49 -18.72
C LEU D 71 -16.27 31.33 -19.74
N GLU D 72 -17.39 30.78 -19.30
CA GLU D 72 -18.54 30.58 -20.18
C GLU D 72 -19.03 31.88 -20.80
N LEU D 73 -19.35 32.86 -19.98
CA LEU D 73 -19.85 34.14 -20.46
C LEU D 73 -18.80 34.91 -21.26
N ALA D 74 -17.54 34.78 -20.87
CA ALA D 74 -16.46 35.47 -21.56
C ALA D 74 -16.10 34.74 -22.84
N ASP D 75 -17.07 34.02 -23.42
CA ASP D 75 -16.83 33.28 -24.64
C ASP D 75 -17.42 34.00 -25.86
N LYS D 76 -18.68 34.43 -25.76
CA LYS D 76 -19.32 35.13 -26.87
C LYS D 76 -18.82 36.56 -26.97
N LYS D 77 -18.75 37.24 -25.82
CA LYS D 77 -18.29 38.62 -25.77
C LYS D 77 -17.01 38.82 -26.58
#